data_8BJG
#
_entry.id   8BJG
#
_cell.length_a   82.438
_cell.length_b   112.205
_cell.length_c   62.531
_cell.angle_alpha   90.00
_cell.angle_beta   90.00
_cell.angle_gamma   90.00
#
_symmetry.space_group_name_H-M   'C 2 2 21'
#
loop_
_entity.id
_entity.type
_entity.pdbx_description
1 polymer '14-3-3 protein sigma'
2 polymer 'Estrogen-related receptor gamma'
3 non-polymer 'MAGNESIUM ION'
4 non-polymer 'CHLORIDE ION'
5 non-polymer 3-methanoyl-~{N}-methyl-~{N}-(2-sulfanylethyl)benzamide
6 water water
#
loop_
_entity_poly.entity_id
_entity_poly.type
_entity_poly.pdbx_seq_one_letter_code
_entity_poly.pdbx_strand_id
1 'polypeptide(L)'
;GAMGSMERASLIQKAKLAEQAERYEDMAAFMKGAVEKGEELSNEERNLLSVAYKNVVGGQRAAWRVLSSIEQKSNEEGSE
EKGPEVREYREKVETELQGVCDTVLGLLDSHLIKEAGDAESRVFYLKMKGDYYRYLAEVATGDDKKRIIDSARSAYQEAM
DISKKEMPPTNPIRLGLALNFSVFHYEIANSPEEAISLAKTTFDEAMADLHTLSEDSYKDSTLIMQLLRDNLTLWT
;
A
2 'polypeptide(L)' KRRRK(SEP)CQA(NH2) B
#
# COMPACT_ATOMS: atom_id res chain seq x y z
N GLY A 1 2.46 -13.45 -19.68
CA GLY A 1 2.43 -12.50 -20.78
C GLY A 1 3.80 -12.22 -21.34
N ALA A 2 4.14 -10.94 -21.47
CA ALA A 2 5.37 -10.54 -22.13
C ALA A 2 6.63 -11.00 -21.41
N MET A 3 6.54 -11.33 -20.12
CA MET A 3 7.71 -11.78 -19.38
C MET A 3 7.79 -13.30 -19.30
N GLY A 4 6.88 -14.01 -19.97
CA GLY A 4 6.83 -15.46 -19.87
C GLY A 4 8.08 -16.17 -20.35
N SER A 5 8.84 -15.56 -21.25
N SER A 5 8.84 -15.55 -21.26
CA SER A 5 10.04 -16.19 -21.77
CA SER A 5 10.05 -16.17 -21.79
C SER A 5 11.29 -15.88 -20.96
C SER A 5 11.29 -15.87 -20.96
N MET A 6 11.22 -15.00 -19.96
CA MET A 6 12.41 -14.64 -19.21
C MET A 6 12.49 -15.47 -17.93
N GLU A 7 13.71 -15.90 -17.59
CA GLU A 7 13.94 -16.66 -16.36
C GLU A 7 13.51 -15.88 -15.13
N ARG A 8 12.97 -16.59 -14.14
CA ARG A 8 12.60 -15.95 -12.88
C ARG A 8 13.76 -15.16 -12.29
N ALA A 9 14.96 -15.76 -12.25
CA ALA A 9 16.07 -15.07 -11.60
C ALA A 9 16.47 -13.82 -12.38
N SER A 10 16.37 -13.87 -13.71
CA SER A 10 16.66 -12.69 -14.54
C SER A 10 15.65 -11.58 -14.31
N LEU A 11 14.37 -11.93 -14.12
CA LEU A 11 13.37 -10.92 -13.80
C LEU A 11 13.68 -10.23 -12.49
N ILE A 12 14.08 -11.00 -11.47
N ILE A 12 14.10 -11.00 -11.48
CA ILE A 12 14.44 -10.42 -10.18
CA ILE A 12 14.43 -10.40 -10.19
C ILE A 12 15.67 -9.53 -10.32
C ILE A 12 15.68 -9.53 -10.30
N GLN A 13 16.69 -10.01 -11.02
CA GLN A 13 17.89 -9.20 -11.25
C GLN A 13 17.55 -7.89 -11.95
N LYS A 14 16.70 -7.94 -12.98
CA LYS A 14 16.31 -6.74 -13.70
C LYS A 14 15.42 -5.84 -12.86
N ALA A 15 14.57 -6.39 -12.00
CA ALA A 15 13.81 -5.54 -11.09
C ALA A 15 14.73 -4.71 -10.21
N LYS A 16 15.83 -5.31 -9.73
CA LYS A 16 16.75 -4.57 -8.88
C LYS A 16 17.47 -3.50 -9.69
N LEU A 17 17.82 -3.80 -10.94
CA LEU A 17 18.43 -2.78 -11.80
C LEU A 17 17.45 -1.65 -12.07
N ALA A 18 16.20 -1.99 -12.36
CA ALA A 18 15.18 -0.97 -12.61
C ALA A 18 15.00 -0.07 -11.40
N GLU A 19 15.03 -0.64 -10.19
CA GLU A 19 14.96 0.20 -8.99
C GLU A 19 16.12 1.20 -8.94
N GLN A 20 17.35 0.73 -9.16
CA GLN A 20 18.51 1.61 -9.17
C GLN A 20 18.38 2.72 -10.20
N ALA A 21 17.74 2.43 -11.33
CA ALA A 21 17.56 3.39 -12.41
C ALA A 21 16.30 4.22 -12.25
N GLU A 22 15.54 4.00 -11.18
CA GLU A 22 14.27 4.69 -10.93
C GLU A 22 13.28 4.49 -12.08
N ARG A 23 13.27 3.29 -12.63
CA ARG A 23 12.37 2.88 -13.70
C ARG A 23 11.30 1.97 -13.09
N TYR A 24 10.35 2.57 -12.38
CA TYR A 24 9.45 1.79 -11.55
C TYR A 24 8.39 1.05 -12.36
N GLU A 25 7.97 1.59 -13.51
CA GLU A 25 7.08 0.83 -14.39
C GLU A 25 7.75 -0.45 -14.86
N ASP A 26 9.02 -0.36 -15.30
CA ASP A 26 9.74 -1.57 -15.67
C ASP A 26 9.85 -2.51 -14.47
N MET A 27 10.19 -1.96 -13.31
CA MET A 27 10.34 -2.77 -12.10
C MET A 27 9.08 -3.57 -11.81
N ALA A 28 7.92 -2.90 -11.91
CA ALA A 28 6.65 -3.58 -11.67
C ALA A 28 6.39 -4.66 -12.71
N ALA A 29 6.68 -4.37 -13.98
CA ALA A 29 6.50 -5.39 -15.00
C ALA A 29 7.38 -6.61 -14.77
N PHE A 30 8.64 -6.39 -14.36
CA PHE A 30 9.53 -7.51 -14.05
C PHE A 30 8.99 -8.31 -12.87
N MET A 31 8.51 -7.62 -11.83
CA MET A 31 8.09 -8.33 -10.64
C MET A 31 6.76 -9.06 -10.89
N LYS A 32 5.86 -8.49 -11.70
CA LYS A 32 4.67 -9.22 -12.13
C LYS A 32 5.06 -10.50 -12.87
N GLY A 33 6.03 -10.40 -13.79
CA GLY A 33 6.52 -11.60 -14.45
C GLY A 33 7.06 -12.63 -13.47
N ALA A 34 7.80 -12.17 -12.45
CA ALA A 34 8.31 -13.11 -11.47
C ALA A 34 7.19 -13.77 -10.68
N VAL A 35 6.18 -13.00 -10.26
CA VAL A 35 5.07 -13.60 -9.53
C VAL A 35 4.37 -14.65 -10.39
N GLU A 36 4.17 -14.34 -11.67
CA GLU A 36 3.45 -15.23 -12.57
C GLU A 36 4.22 -16.52 -12.88
N LYS A 37 5.48 -16.63 -12.47
CA LYS A 37 6.15 -17.93 -12.54
C LYS A 37 5.50 -18.96 -11.64
N GLY A 38 4.74 -18.53 -10.63
CA GLY A 38 3.96 -19.45 -9.81
C GLY A 38 4.61 -19.87 -8.52
N GLU A 39 5.88 -19.57 -8.31
N GLU A 39 5.88 -19.54 -8.30
CA GLU A 39 6.54 -19.91 -7.05
CA GLU A 39 6.56 -19.91 -7.07
C GLU A 39 6.29 -18.82 -6.03
C GLU A 39 6.35 -18.81 -6.03
N GLU A 40 6.39 -19.20 -4.76
CA GLU A 40 6.27 -18.25 -3.67
C GLU A 40 7.44 -17.25 -3.73
N LEU A 41 7.23 -16.09 -3.13
CA LEU A 41 8.25 -15.04 -3.06
C LEU A 41 8.97 -15.08 -1.73
N SER A 42 10.26 -14.80 -1.77
CA SER A 42 11.04 -14.60 -0.55
C SER A 42 10.74 -13.22 0.07
N ASN A 43 11.29 -12.99 1.27
N ASN A 43 11.31 -12.99 1.26
CA ASN A 43 11.12 -11.71 1.93
CA ASN A 43 11.11 -11.71 1.93
C ASN A 43 11.60 -10.57 1.03
C ASN A 43 11.61 -10.56 1.05
N GLU A 44 12.80 -10.70 0.47
CA GLU A 44 13.34 -9.65 -0.37
C GLU A 44 12.50 -9.45 -1.62
N GLU A 45 12.00 -10.55 -2.20
CA GLU A 45 11.20 -10.42 -3.42
C GLU A 45 9.85 -9.76 -3.11
N ARG A 46 9.26 -10.05 -1.96
CA ARG A 46 8.03 -9.36 -1.56
C ARG A 46 8.28 -7.86 -1.47
N ASN A 47 9.42 -7.48 -0.90
N ASN A 47 9.41 -7.48 -0.88
CA ASN A 47 9.72 -6.05 -0.79
CA ASN A 47 9.75 -6.06 -0.78
C ASN A 47 9.89 -5.41 -2.16
C ASN A 47 9.88 -5.42 -2.15
N LEU A 48 10.52 -6.12 -3.11
CA LEU A 48 10.68 -5.56 -4.45
C LEU A 48 9.33 -5.37 -5.12
N LEU A 49 8.43 -6.32 -4.94
CA LEU A 49 7.07 -6.21 -5.49
C LEU A 49 6.37 -4.96 -4.95
N SER A 50 6.45 -4.77 -3.64
CA SER A 50 5.77 -3.65 -3.00
C SER A 50 6.38 -2.32 -3.44
N VAL A 51 7.70 -2.21 -3.46
CA VAL A 51 8.36 -0.98 -3.92
C VAL A 51 7.88 -0.63 -5.32
N ALA A 52 7.89 -1.61 -6.21
CA ALA A 52 7.62 -1.34 -7.62
C ALA A 52 6.23 -0.76 -7.79
N TYR A 53 5.22 -1.46 -7.29
CA TYR A 53 3.85 -1.01 -7.49
C TYR A 53 3.53 0.22 -6.67
N LYS A 54 4.11 0.38 -5.49
CA LYS A 54 3.81 1.58 -4.70
C LYS A 54 4.32 2.82 -5.41
N ASN A 55 5.48 2.73 -6.04
CA ASN A 55 6.00 3.87 -6.79
C ASN A 55 5.15 4.16 -8.01
N VAL A 56 4.74 3.14 -8.75
CA VAL A 56 3.89 3.36 -9.91
C VAL A 56 2.57 4.02 -9.50
N VAL A 57 1.86 3.41 -8.55
N VAL A 57 1.85 3.41 -8.55
CA VAL A 57 0.58 3.97 -8.14
CA VAL A 57 0.57 4.00 -8.14
C VAL A 57 0.76 5.31 -7.44
C VAL A 57 0.78 5.35 -7.48
N GLY A 58 1.92 5.56 -6.83
CA GLY A 58 2.16 6.83 -6.18
C GLY A 58 2.19 7.97 -7.16
N GLY A 59 2.82 7.76 -8.32
CA GLY A 59 2.79 8.80 -9.33
C GLY A 59 1.39 9.05 -9.85
N GLN A 60 0.61 7.98 -10.01
CA GLN A 60 -0.76 8.13 -10.49
C GLN A 60 -1.64 8.85 -9.46
N ARG A 61 -1.50 8.49 -8.19
CA ARG A 61 -2.31 9.13 -7.14
C ARG A 61 -1.98 10.61 -7.03
N ALA A 62 -0.69 10.96 -7.07
CA ALA A 62 -0.33 12.37 -6.99
C ALA A 62 -0.88 13.13 -8.17
N ALA A 63 -0.81 12.55 -9.37
CA ALA A 63 -1.36 13.20 -10.55
C ALA A 63 -2.88 13.34 -10.44
N TRP A 64 -3.55 12.28 -9.97
CA TRP A 64 -5.00 12.32 -9.80
C TRP A 64 -5.41 13.44 -8.85
N ARG A 65 -4.65 13.63 -7.77
CA ARG A 65 -5.01 14.68 -6.82
C ARG A 65 -4.85 16.06 -7.44
N VAL A 66 -3.80 16.27 -8.24
CA VAL A 66 -3.63 17.54 -8.93
C VAL A 66 -4.83 17.81 -9.82
N LEU A 67 -5.21 16.83 -10.64
CA LEU A 67 -6.30 16.97 -11.60
C LEU A 67 -7.65 17.12 -10.90
N SER A 68 -7.85 16.37 -9.81
N SER A 68 -7.87 16.34 -9.83
CA SER A 68 -9.10 16.49 -9.05
CA SER A 68 -9.13 16.44 -9.11
C SER A 68 -9.25 17.88 -8.45
C SER A 68 -9.30 17.83 -8.49
N SER A 69 -8.15 18.45 -7.94
N SER A 69 -8.21 18.40 -7.98
CA SER A 69 -8.20 19.81 -7.40
CA SER A 69 -8.27 19.75 -7.43
C SER A 69 -8.59 20.81 -8.48
C SER A 69 -8.64 20.77 -8.50
N ILE A 70 -8.01 20.67 -9.69
CA ILE A 70 -8.35 21.58 -10.77
C ILE A 70 -9.81 21.42 -11.16
N GLU A 71 -10.28 20.17 -11.23
CA GLU A 71 -11.67 19.92 -11.56
C GLU A 71 -12.61 20.53 -10.54
N GLN A 72 -12.27 20.40 -9.25
CA GLN A 72 -13.16 20.96 -8.22
C GLN A 72 -13.21 22.48 -8.31
N LYS A 73 -12.06 23.12 -8.56
CA LYS A 73 -12.06 24.57 -8.75
C LYS A 73 -12.91 24.98 -9.94
N SER A 74 -12.85 24.20 -11.02
CA SER A 74 -13.63 24.50 -12.21
C SER A 74 -15.14 24.47 -11.96
N ASN A 75 -15.58 23.78 -10.91
CA ASN A 75 -17.00 23.68 -10.58
C ASN A 75 -17.44 24.65 -9.50
N GLU A 76 -16.58 25.58 -9.12
CA GLU A 76 -16.96 26.63 -8.19
C GLU A 76 -17.76 27.71 -8.91
N GLU A 77 -18.60 28.41 -8.15
CA GLU A 77 -19.31 29.55 -8.70
C GLU A 77 -18.32 30.62 -9.14
N GLY A 78 -18.51 31.14 -10.34
CA GLY A 78 -17.63 32.15 -10.90
C GLY A 78 -16.56 31.61 -11.82
N SER A 79 -16.37 30.30 -11.86
CA SER A 79 -15.36 29.71 -12.74
C SER A 79 -15.89 29.60 -14.16
N GLU A 80 -15.03 29.93 -15.12
CA GLU A 80 -15.41 29.85 -16.53
C GLU A 80 -15.55 28.40 -16.97
N GLU A 81 -16.52 28.16 -17.85
CA GLU A 81 -16.65 26.84 -18.46
C GLU A 81 -15.51 26.62 -19.44
N LYS A 82 -14.74 25.56 -19.22
CA LYS A 82 -13.60 25.24 -20.08
C LYS A 82 -13.80 23.96 -20.87
N GLY A 83 -14.98 23.35 -20.82
CA GLY A 83 -15.27 22.16 -21.57
C GLY A 83 -15.00 20.91 -20.78
N PRO A 84 -15.04 19.75 -21.46
CA PRO A 84 -14.93 18.45 -20.79
C PRO A 84 -13.50 17.99 -20.54
N GLU A 85 -12.49 18.76 -20.93
CA GLU A 85 -11.12 18.24 -20.96
C GLU A 85 -10.58 17.89 -19.58
N VAL A 86 -10.86 18.72 -18.57
CA VAL A 86 -10.31 18.42 -17.24
C VAL A 86 -10.90 17.11 -16.71
N ARG A 87 -12.22 16.96 -16.81
CA ARG A 87 -12.86 15.72 -16.40
C ARG A 87 -12.33 14.54 -17.19
N GLU A 88 -12.22 14.68 -18.51
CA GLU A 88 -11.75 13.57 -19.33
C GLU A 88 -10.35 13.14 -18.92
N TYR A 89 -9.45 14.10 -18.69
CA TYR A 89 -8.09 13.74 -18.37
C TYR A 89 -7.98 13.17 -16.95
N ARG A 90 -8.72 13.74 -16.00
CA ARG A 90 -8.79 13.12 -14.68
C ARG A 90 -9.31 11.69 -14.77
N GLU A 91 -10.34 11.46 -15.60
N GLU A 91 -10.33 11.46 -15.60
CA GLU A 91 -10.86 10.11 -15.78
CA GLU A 91 -10.86 10.11 -15.78
C GLU A 91 -9.82 9.18 -16.41
C GLU A 91 -9.82 9.18 -16.40
N LYS A 92 -9.02 9.69 -17.35
CA LYS A 92 -7.99 8.87 -17.96
C LYS A 92 -6.98 8.41 -16.92
N VAL A 93 -6.47 9.34 -16.11
CA VAL A 93 -5.53 8.98 -15.06
C VAL A 93 -6.18 8.04 -14.06
N GLU A 94 -7.44 8.31 -13.70
CA GLU A 94 -8.17 7.47 -12.75
C GLU A 94 -8.28 6.04 -13.26
N THR A 95 -8.65 5.87 -14.53
CA THR A 95 -8.80 4.54 -15.10
C THR A 95 -7.47 3.78 -15.10
N GLU A 96 -6.38 4.48 -15.43
N GLU A 96 -6.38 4.48 -15.40
CA GLU A 96 -5.06 3.86 -15.39
CA GLU A 96 -5.07 3.84 -15.38
C GLU A 96 -4.69 3.44 -13.97
C GLU A 96 -4.68 3.44 -13.96
N LEU A 97 -4.97 4.30 -12.99
CA LEU A 97 -4.72 3.98 -11.59
C LEU A 97 -5.52 2.76 -11.15
N GLN A 98 -6.81 2.73 -11.49
CA GLN A 98 -7.64 1.58 -11.16
C GLN A 98 -7.10 0.32 -11.79
N GLY A 99 -6.59 0.43 -13.02
CA GLY A 99 -6.02 -0.74 -13.67
C GLY A 99 -4.82 -1.28 -12.94
N VAL A 100 -3.96 -0.41 -12.42
CA VAL A 100 -2.80 -0.88 -11.67
C VAL A 100 -3.26 -1.53 -10.36
N CYS A 101 -4.24 -0.93 -9.68
CA CYS A 101 -4.76 -1.55 -8.47
C CYS A 101 -5.34 -2.92 -8.77
N ASP A 102 -6.13 -3.04 -9.85
CA ASP A 102 -6.70 -4.32 -10.22
C ASP A 102 -5.61 -5.35 -10.55
N THR A 103 -4.52 -4.89 -11.18
CA THR A 103 -3.41 -5.79 -11.48
C THR A 103 -2.79 -6.34 -10.19
N VAL A 104 -2.51 -5.46 -9.22
CA VAL A 104 -1.93 -5.93 -7.96
C VAL A 104 -2.89 -6.85 -7.23
N LEU A 105 -4.16 -6.45 -7.13
CA LEU A 105 -5.14 -7.30 -6.47
C LEU A 105 -5.26 -8.64 -7.16
N GLY A 106 -5.12 -8.65 -8.49
CA GLY A 106 -5.17 -9.91 -9.21
C GLY A 106 -4.00 -10.82 -8.89
N LEU A 107 -2.80 -10.25 -8.74
CA LEU A 107 -1.65 -11.08 -8.37
C LEU A 107 -1.83 -11.64 -6.97
N LEU A 108 -2.37 -10.83 -6.06
CA LEU A 108 -2.60 -11.31 -4.69
C LEU A 108 -3.63 -12.44 -4.68
N ASP A 109 -4.67 -12.33 -5.51
CA ASP A 109 -5.71 -13.35 -5.54
C ASP A 109 -5.34 -14.56 -6.36
N SER A 110 -4.37 -14.45 -7.26
CA SER A 110 -4.04 -15.51 -8.20
C SER A 110 -2.51 -15.53 -8.32
N HIS A 111 -1.83 -16.09 -7.33
CA HIS A 111 -2.31 -16.88 -6.19
C HIS A 111 -1.46 -16.64 -4.93
N LEU A 112 -0.98 -15.40 -4.75
CA LEU A 112 0.00 -15.15 -3.69
C LEU A 112 -0.59 -15.42 -2.30
N ILE A 113 -1.77 -14.89 -2.01
CA ILE A 113 -2.30 -15.00 -0.65
C ILE A 113 -2.58 -16.45 -0.28
N LYS A 114 -3.19 -17.22 -1.19
CA LYS A 114 -3.60 -18.57 -0.82
C LYS A 114 -2.42 -19.48 -0.52
N GLU A 115 -1.24 -19.19 -1.08
N GLU A 115 -1.24 -19.19 -1.06
CA GLU A 115 -0.05 -19.99 -0.83
CA GLU A 115 -0.07 -20.02 -0.79
C GLU A 115 0.77 -19.50 0.35
C GLU A 115 0.78 -19.51 0.36
N ALA A 116 0.44 -18.34 0.92
CA ALA A 116 1.25 -17.72 1.98
C ALA A 116 0.80 -18.24 3.33
N GLY A 117 1.61 -19.11 3.93
CA GLY A 117 1.27 -19.73 5.19
C GLY A 117 2.01 -19.17 6.40
N ASP A 118 3.18 -18.61 6.19
CA ASP A 118 3.91 -18.00 7.30
C ASP A 118 3.29 -16.65 7.63
N ALA A 119 3.23 -16.34 8.92
CA ALA A 119 2.55 -15.13 9.36
C ALA A 119 3.07 -13.90 8.63
N GLU A 120 4.39 -13.77 8.52
CA GLU A 120 4.98 -12.58 7.94
C GLU A 120 4.51 -12.38 6.49
N SER A 121 4.60 -13.45 5.68
N SER A 121 4.59 -13.45 5.69
CA SER A 121 4.20 -13.33 4.29
CA SER A 121 4.20 -13.34 4.29
C SER A 121 2.71 -13.06 4.16
C SER A 121 2.70 -13.05 4.17
N ARG A 122 1.89 -13.77 4.93
CA ARG A 122 0.44 -13.59 4.84
C ARG A 122 0.04 -12.17 5.22
N VAL A 123 0.59 -11.66 6.33
CA VAL A 123 0.30 -10.29 6.75
C VAL A 123 0.77 -9.30 5.69
N PHE A 124 1.97 -9.51 5.14
CA PHE A 124 2.48 -8.62 4.10
C PHE A 124 1.50 -8.52 2.93
N TYR A 125 1.00 -9.66 2.45
CA TYR A 125 0.10 -9.65 1.29
C TYR A 125 -1.26 -9.08 1.65
N LEU A 126 -1.77 -9.38 2.85
CA LEU A 126 -3.07 -8.84 3.23
C LEU A 126 -3.00 -7.32 3.42
N LYS A 127 -1.88 -6.82 3.96
CA LYS A 127 -1.67 -5.38 4.01
C LYS A 127 -1.70 -4.78 2.60
N MET A 128 -1.00 -5.40 1.65
CA MET A 128 -1.04 -4.92 0.28
C MET A 128 -2.46 -4.90 -0.25
N LYS A 129 -3.24 -5.96 0.02
CA LYS A 129 -4.62 -6.00 -0.44
C LYS A 129 -5.41 -4.84 0.13
N GLY A 130 -5.25 -4.56 1.43
CA GLY A 130 -5.91 -3.40 2.02
C GLY A 130 -5.47 -2.11 1.37
N ASP A 131 -4.17 -1.97 1.12
CA ASP A 131 -3.64 -0.74 0.51
C ASP A 131 -4.26 -0.49 -0.87
N TYR A 132 -4.33 -1.51 -1.72
CA TYR A 132 -4.80 -1.28 -3.08
C TYR A 132 -6.30 -1.10 -3.14
N TYR A 133 -7.06 -1.76 -2.25
CA TYR A 133 -8.47 -1.38 -2.09
C TYR A 133 -8.60 0.04 -1.56
N ARG A 134 -7.70 0.47 -0.67
CA ARG A 134 -7.75 1.83 -0.17
C ARG A 134 -7.52 2.84 -1.29
N TYR A 135 -6.58 2.54 -2.20
CA TYR A 135 -6.36 3.45 -3.32
C TYR A 135 -7.57 3.47 -4.27
N LEU A 136 -8.22 2.32 -4.47
CA LEU A 136 -9.50 2.33 -5.20
C LEU A 136 -10.53 3.20 -4.48
N ALA A 137 -10.57 3.13 -3.14
CA ALA A 137 -11.54 3.91 -2.38
C ALA A 137 -11.28 5.41 -2.48
N GLU A 138 -10.01 5.81 -2.62
CA GLU A 138 -9.69 7.22 -2.73
C GLU A 138 -10.38 7.87 -3.92
N VAL A 139 -10.64 7.10 -4.98
CA VAL A 139 -11.21 7.65 -6.21
C VAL A 139 -12.65 7.21 -6.43
N ALA A 140 -13.17 6.35 -5.57
CA ALA A 140 -14.51 5.79 -5.78
C ALA A 140 -15.57 6.82 -5.43
N THR A 141 -16.57 6.96 -6.30
CA THR A 141 -17.66 7.90 -6.09
C THR A 141 -19.03 7.28 -6.30
N GLY A 142 -19.11 6.01 -6.67
CA GLY A 142 -20.38 5.42 -7.05
C GLY A 142 -20.94 4.36 -6.13
N ASP A 143 -21.73 3.43 -6.70
CA ASP A 143 -22.53 2.51 -5.92
C ASP A 143 -21.72 1.39 -5.27
N ASP A 144 -20.50 1.16 -5.73
CA ASP A 144 -19.65 0.14 -5.12
C ASP A 144 -18.69 0.70 -4.09
N LYS A 145 -18.76 2.00 -3.80
CA LYS A 145 -17.81 2.63 -2.89
C LYS A 145 -17.82 1.94 -1.53
N LYS A 146 -19.01 1.67 -1.00
CA LYS A 146 -19.08 1.03 0.31
C LYS A 146 -18.44 -0.36 0.29
N ARG A 147 -18.66 -1.13 -0.78
CA ARG A 147 -18.05 -2.44 -0.84
C ARG A 147 -16.54 -2.36 -1.03
N ILE A 148 -16.05 -1.36 -1.77
CA ILE A 148 -14.60 -1.19 -1.92
C ILE A 148 -13.98 -0.86 -0.57
N ILE A 149 -14.61 0.05 0.17
CA ILE A 149 -14.13 0.42 1.50
C ILE A 149 -14.15 -0.80 2.41
N ASP A 150 -15.20 -1.61 2.35
CA ASP A 150 -15.27 -2.77 3.24
C ASP A 150 -14.23 -3.83 2.87
N SER A 151 -13.90 -3.94 1.58
CA SER A 151 -12.85 -4.87 1.17
C SER A 151 -11.51 -4.44 1.73
N ALA A 152 -11.21 -3.13 1.71
CA ALA A 152 -9.98 -2.67 2.36
C ALA A 152 -10.00 -2.98 3.85
N ARG A 153 -11.11 -2.64 4.52
CA ARG A 153 -11.24 -2.89 5.96
C ARG A 153 -11.03 -4.35 6.28
N SER A 154 -11.67 -5.24 5.50
CA SER A 154 -11.62 -6.67 5.80
C SER A 154 -10.19 -7.21 5.66
N ALA A 155 -9.48 -6.79 4.62
CA ALA A 155 -8.11 -7.27 4.42
C ALA A 155 -7.20 -6.77 5.54
N TYR A 156 -7.30 -5.47 5.87
CA TYR A 156 -6.53 -4.94 6.99
C TYR A 156 -6.85 -5.65 8.29
N GLN A 157 -8.14 -5.92 8.54
CA GLN A 157 -8.53 -6.54 9.80
C GLN A 157 -7.96 -7.94 9.92
N GLU A 158 -8.01 -8.73 8.84
CA GLU A 158 -7.41 -10.06 8.89
C GLU A 158 -5.91 -9.97 9.14
N ALA A 159 -5.24 -9.01 8.49
CA ALA A 159 -3.81 -8.82 8.71
C ALA A 159 -3.51 -8.43 10.16
N MET A 160 -4.34 -7.55 10.73
CA MET A 160 -4.16 -7.16 12.13
C MET A 160 -4.32 -8.35 13.06
N ASP A 161 -5.34 -9.18 12.80
CA ASP A 161 -5.62 -10.31 13.70
C ASP A 161 -4.45 -11.28 13.68
N ILE A 162 -3.92 -11.60 12.50
CA ILE A 162 -2.76 -12.49 12.40
C ILE A 162 -1.54 -11.85 13.06
N SER A 163 -1.30 -10.57 12.78
N SER A 163 -1.30 -10.57 12.76
CA SER A 163 -0.09 -9.93 13.30
CA SER A 163 -0.13 -9.87 13.30
C SER A 163 -0.10 -9.83 14.82
C SER A 163 -0.12 -9.91 14.82
N LYS A 164 -1.28 -9.64 15.42
CA LYS A 164 -1.35 -9.58 16.88
C LYS A 164 -1.05 -10.93 17.49
N LYS A 165 -1.50 -12.01 16.85
CA LYS A 165 -1.28 -13.35 17.39
C LYS A 165 0.13 -13.85 17.16
N GLU A 166 0.74 -13.53 16.01
CA GLU A 166 1.91 -14.26 15.54
C GLU A 166 3.19 -13.43 15.47
N MET A 167 3.14 -12.13 15.69
N MET A 167 3.13 -12.11 15.64
CA MET A 167 4.33 -11.31 15.49
CA MET A 167 4.30 -11.26 15.50
C MET A 167 4.49 -10.33 16.65
C MET A 167 4.49 -10.41 16.75
N PRO A 168 5.73 -10.01 17.03
CA PRO A 168 5.95 -9.09 18.16
C PRO A 168 5.48 -7.68 17.82
N PRO A 169 5.18 -6.86 18.82
CA PRO A 169 4.65 -5.52 18.55
C PRO A 169 5.64 -4.59 17.87
N THR A 170 6.92 -4.95 17.84
CA THR A 170 7.92 -4.16 17.14
C THR A 170 8.17 -4.63 15.71
N ASN A 171 7.53 -5.70 15.26
CA ASN A 171 7.80 -6.21 13.92
C ASN A 171 7.49 -5.13 12.88
N PRO A 172 8.41 -4.85 11.95
CA PRO A 172 8.16 -3.75 11.00
C PRO A 172 6.94 -3.94 10.12
N ILE A 173 6.61 -5.18 9.72
N ILE A 173 6.61 -5.18 9.73
CA ILE A 173 5.41 -5.39 8.93
CA ILE A 173 5.40 -5.40 8.94
C ILE A 173 4.17 -5.07 9.76
C ILE A 173 4.17 -5.08 9.76
N ARG A 174 4.13 -5.55 11.01
CA ARG A 174 3.04 -5.22 11.91
C ARG A 174 2.91 -3.72 12.09
N LEU A 175 4.04 -3.03 12.28
CA LEU A 175 3.99 -1.59 12.50
C LEU A 175 3.49 -0.84 11.27
N GLY A 176 4.01 -1.20 10.09
CA GLY A 176 3.58 -0.54 8.87
C GLY A 176 2.12 -0.81 8.55
N LEU A 177 1.65 -2.03 8.83
CA LEU A 177 0.24 -2.35 8.69
C LEU A 177 -0.61 -1.44 9.58
N ALA A 178 -0.22 -1.29 10.85
CA ALA A 178 -1.00 -0.45 11.75
C ALA A 178 -1.01 0.99 11.30
N LEU A 179 0.15 1.49 10.83
CA LEU A 179 0.22 2.84 10.26
C LEU A 179 -0.83 3.01 9.15
N ASN A 180 -0.85 2.07 8.22
CA ASN A 180 -1.75 2.19 7.06
C ASN A 180 -3.22 2.00 7.44
N PHE A 181 -3.52 1.05 8.34
CA PHE A 181 -4.91 0.88 8.75
C PHE A 181 -5.39 2.11 9.50
N SER A 182 -4.50 2.75 10.26
CA SER A 182 -4.85 4.00 10.93
C SER A 182 -5.17 5.09 9.92
N VAL A 183 -4.37 5.20 8.85
CA VAL A 183 -4.69 6.16 7.78
C VAL A 183 -6.03 5.83 7.14
N PHE A 184 -6.28 4.55 6.85
CA PHE A 184 -7.59 4.12 6.37
C PHE A 184 -8.70 4.65 7.27
N HIS A 185 -8.59 4.44 8.58
CA HIS A 185 -9.63 4.92 9.49
C HIS A 185 -9.79 6.43 9.40
N TYR A 186 -8.67 7.16 9.36
CA TYR A 186 -8.73 8.62 9.41
C TYR A 186 -9.37 9.20 8.17
N GLU A 187 -8.94 8.75 7.00
CA GLU A 187 -9.30 9.48 5.80
C GLU A 187 -10.20 8.73 4.83
N ILE A 188 -10.43 7.43 5.01
CA ILE A 188 -11.37 6.66 4.20
C ILE A 188 -12.65 6.34 4.96
N ALA A 189 -12.54 5.86 6.20
CA ALA A 189 -13.69 5.40 6.96
C ALA A 189 -14.31 6.47 7.83
N ASN A 190 -13.80 7.71 7.79
CA ASN A 190 -14.38 8.82 8.57
C ASN A 190 -14.37 8.49 10.07
N SER A 191 -13.29 7.86 10.54
CA SER A 191 -13.18 7.43 11.93
C SER A 191 -11.87 7.93 12.52
N PRO A 192 -11.72 9.26 12.67
CA PRO A 192 -10.44 9.77 13.18
C PRO A 192 -10.11 9.29 14.58
N GLU A 193 -11.11 9.11 15.47
CA GLU A 193 -10.78 8.63 16.80
C GLU A 193 -10.20 7.22 16.77
N GLU A 194 -10.75 6.35 15.90
CA GLU A 194 -10.17 5.01 15.76
C GLU A 194 -8.75 5.09 15.21
N ALA A 195 -8.52 6.00 14.25
CA ALA A 195 -7.18 6.17 13.69
C ALA A 195 -6.18 6.58 14.77
N ILE A 196 -6.58 7.53 15.62
CA ILE A 196 -5.70 8.03 16.66
C ILE A 196 -5.47 6.95 17.72
N SER A 197 -6.52 6.27 18.14
N SER A 197 -6.52 6.27 18.14
CA SER A 197 -6.38 5.19 19.13
CA SER A 197 -6.37 5.20 19.12
C SER A 197 -5.44 4.10 18.61
C SER A 197 -5.44 4.10 18.61
N LEU A 198 -5.61 3.70 17.35
CA LEU A 198 -4.76 2.64 16.82
C LEU A 198 -3.31 3.09 16.75
N ALA A 199 -3.05 4.31 16.28
CA ALA A 199 -1.68 4.78 16.19
C ALA A 199 -1.03 4.86 17.58
N LYS A 200 -1.78 5.35 18.58
CA LYS A 200 -1.23 5.50 19.92
C LYS A 200 -0.96 4.15 20.58
N THR A 201 -1.93 3.24 20.53
N THR A 201 -1.91 3.21 20.51
CA THR A 201 -1.73 1.91 21.09
CA THR A 201 -1.68 1.90 21.11
C THR A 201 -0.58 1.17 20.41
C THR A 201 -0.56 1.15 20.41
N THR A 202 -0.49 1.26 19.08
CA THR A 202 0.60 0.61 18.36
C THR A 202 1.95 1.18 18.79
N PHE A 203 2.05 2.52 18.88
CA PHE A 203 3.30 3.16 19.29
C PHE A 203 3.71 2.72 20.69
N ASP A 204 2.76 2.73 21.63
CA ASP A 204 3.07 2.44 23.03
C ASP A 204 3.47 0.98 23.22
N GLU A 205 2.77 0.07 22.54
CA GLU A 205 3.14 -1.33 22.64
C GLU A 205 4.49 -1.65 21.99
N ALA A 206 4.82 -0.94 20.92
CA ALA A 206 6.15 -1.10 20.35
C ALA A 206 7.23 -0.56 21.30
N MET A 207 6.98 0.62 21.87
N MET A 207 6.98 0.62 21.89
CA MET A 207 7.93 1.22 22.81
CA MET A 207 7.93 1.21 22.83
C MET A 207 8.29 0.26 23.93
C MET A 207 8.30 0.21 23.91
N ALA A 208 7.30 -0.45 24.47
CA ALA A 208 7.52 -1.35 25.58
C ALA A 208 8.32 -2.59 25.21
N ASP A 209 8.45 -2.91 23.92
CA ASP A 209 9.11 -4.13 23.47
C ASP A 209 10.48 -3.81 22.86
N LEU A 210 10.86 -2.53 22.75
CA LEU A 210 12.15 -2.17 22.17
C LEU A 210 13.32 -2.78 22.93
N HIS A 211 13.17 -2.99 24.24
CA HIS A 211 14.30 -3.48 25.05
C HIS A 211 14.76 -4.86 24.64
N THR A 212 13.93 -5.61 23.90
CA THR A 212 14.25 -6.97 23.49
C THR A 212 15.09 -7.03 22.23
N LEU A 213 15.32 -5.91 21.56
CA LEU A 213 15.83 -5.86 20.20
C LEU A 213 17.33 -5.58 20.17
N SER A 214 17.97 -6.08 19.10
CA SER A 214 19.30 -5.67 18.71
C SER A 214 19.30 -4.21 18.26
N GLU A 215 20.50 -3.64 18.13
CA GLU A 215 20.61 -2.26 17.66
C GLU A 215 19.99 -2.10 16.28
N ASP A 216 20.22 -3.06 15.38
CA ASP A 216 19.68 -2.95 14.03
C ASP A 216 18.17 -3.08 14.00
N SER A 217 17.60 -4.01 14.77
CA SER A 217 16.14 -4.11 14.82
C SER A 217 15.52 -2.88 15.47
N TYR A 218 16.22 -2.31 16.47
CA TYR A 218 15.75 -1.10 17.12
C TYR A 218 15.64 0.04 16.12
N LYS A 219 16.66 0.19 15.28
CA LYS A 219 16.61 1.21 14.25
C LYS A 219 15.43 0.99 13.31
N ASP A 220 15.19 -0.25 12.90
CA ASP A 220 14.08 -0.54 12.00
C ASP A 220 12.75 -0.17 12.64
N SER A 221 12.53 -0.59 13.88
CA SER A 221 11.24 -0.38 14.51
C SER A 221 11.01 1.09 14.83
N THR A 222 12.03 1.78 15.38
CA THR A 222 11.85 3.17 15.75
C THR A 222 11.59 4.07 14.54
N LEU A 223 12.11 3.70 13.37
CA LEU A 223 11.82 4.47 12.15
C LEU A 223 10.32 4.50 11.88
N ILE A 224 9.66 3.34 11.98
CA ILE A 224 8.21 3.31 11.71
C ILE A 224 7.43 3.93 12.85
N MET A 225 7.91 3.76 14.09
CA MET A 225 7.26 4.40 15.22
C MET A 225 7.23 5.91 15.03
N GLN A 226 8.28 6.47 14.43
CA GLN A 226 8.30 7.91 14.18
C GLN A 226 7.21 8.32 13.19
N LEU A 227 6.91 7.46 12.20
CA LEU A 227 5.81 7.74 11.29
C LEU A 227 4.47 7.78 12.03
N LEU A 228 4.26 6.84 12.95
CA LEU A 228 3.06 6.89 13.77
C LEU A 228 2.99 8.18 14.58
N ARG A 229 4.13 8.58 15.16
CA ARG A 229 4.16 9.84 15.93
C ARG A 229 3.91 11.03 15.03
N ASP A 230 4.45 11.02 13.81
CA ASP A 230 4.18 12.13 12.89
C ASP A 230 2.69 12.29 12.66
N ASN A 231 1.98 11.19 12.46
CA ASN A 231 0.54 11.26 12.23
C ASN A 231 -0.19 11.72 13.49
N LEU A 232 0.18 11.20 14.66
CA LEU A 232 -0.44 11.66 15.89
C LEU A 232 -0.26 13.15 16.10
N THR A 233 0.92 13.68 15.78
CA THR A 233 1.16 15.11 15.92
C THR A 233 0.32 15.91 14.94
N LEU A 234 0.17 15.42 13.71
CA LEU A 234 -0.67 16.09 12.72
C LEU A 234 -2.14 16.07 13.13
N TRP A 235 -2.60 14.98 13.76
CA TRP A 235 -4.02 14.74 13.97
C TRP A 235 -4.53 15.21 15.32
N THR A 236 -3.65 15.60 16.23
CA THR A 236 -4.04 16.03 17.56
C THR A 236 -3.49 17.41 17.90
N ARG B 2 2.03 19.46 5.10
CA ARG B 2 2.38 18.32 5.97
C ARG B 2 1.44 17.13 5.73
N ARG B 3 1.75 16.34 4.71
CA ARG B 3 0.92 15.19 4.36
C ARG B 3 1.16 14.04 5.33
N ARG B 4 0.08 13.41 5.77
CA ARG B 4 0.18 12.28 6.70
C ARG B 4 1.01 11.16 6.09
N LYS B 5 1.66 10.38 6.95
CA LYS B 5 2.51 9.29 6.51
C LYS B 5 1.77 7.98 6.31
N CYS B 7 2.97 3.77 4.81
CA CYS B 7 4.15 2.92 4.84
C CYS B 7 4.78 2.71 3.43
N GLN B 8 5.94 3.31 3.19
CA GLN B 8 6.63 3.19 1.90
C GLN B 8 7.75 2.16 2.00
N ALA B 9 7.56 0.99 1.39
CA ALA B 9 8.65 0.00 1.29
C ALA B 9 9.88 0.56 0.58
#